data_3HH1
#
_entry.id   3HH1
#
_cell.length_a   62.986
_cell.length_b   47.569
_cell.length_c   64.497
_cell.angle_alpha   90.000
_cell.angle_beta   91.000
_cell.angle_gamma   90.000
#
_symmetry.space_group_name_H-M   'P 1 21 1'
#
loop_
_entity.id
_entity.type
_entity.pdbx_description
1 polymer 'Tetrapyrrole methylase family protein'
2 non-polymer 'SULFATE ION'
3 non-polymer 1,2-ETHANEDIOL
4 water water
#
_entity_poly.entity_id   1
_entity_poly.type   'polypeptide(L)'
_entity_poly.pdbx_seq_one_letter_code
;SNAHKGTLYVVATPLGNLDD(MSE)TFRAVNTLRNAGAIACEDTRRTSILLKHFGIEGKRLVSYHSFNEERAVRQVIELL
EEGSDVALVTDAGTPAISDPGYT(MSE)ASAAHAAGLPVVPVPGA
;
_entity_poly.pdbx_strand_id   A,B,C,D
#
# COMPACT_ATOMS: atom_id res chain seq x y z
N ALA A 3 13.70 10.04 17.60
CA ALA A 3 13.89 9.81 16.13
C ALA A 3 12.77 10.52 15.37
N HIS A 4 13.10 11.67 14.78
CA HIS A 4 12.11 12.57 14.21
C HIS A 4 11.47 11.97 12.93
N LYS A 5 10.16 11.97 12.85
CA LYS A 5 9.43 11.49 11.70
C LYS A 5 9.38 12.60 10.64
N GLY A 6 9.55 12.25 9.39
CA GLY A 6 9.26 13.15 8.29
C GLY A 6 7.77 13.27 8.11
N THR A 7 7.40 14.36 7.45
CA THR A 7 6.02 14.67 7.15
C THR A 7 5.76 14.42 5.69
N LEU A 8 4.60 13.82 5.40
CA LEU A 8 4.10 13.74 4.05
C LEU A 8 3.24 15.01 3.79
N TYR A 9 3.76 15.94 2.98
CA TYR A 9 2.99 17.14 2.60
C TYR A 9 2.21 16.86 1.34
N VAL A 10 0.90 17.07 1.37
CA VAL A 10 0.06 16.89 0.21
C VAL A 10 -0.17 18.28 -0.41
N VAL A 11 0.34 18.45 -1.63
CA VAL A 11 0.37 19.71 -2.32
C VAL A 11 -0.52 19.65 -3.54
N ALA A 12 -1.59 20.45 -3.57
CA ALA A 12 -2.51 20.49 -4.70
C ALA A 12 -1.94 21.42 -5.77
N THR A 13 -1.93 20.99 -7.03
CA THR A 13 -1.32 21.80 -8.08
C THR A 13 -2.30 21.99 -9.22
N PRO A 14 -2.45 23.23 -9.71
CA PRO A 14 -3.39 23.51 -10.83
C PRO A 14 -2.77 23.10 -12.14
N LEU A 15 -3.58 22.93 -13.18
CA LEU A 15 -3.07 22.57 -14.50
C LEU A 15 -2.37 23.76 -15.18
N GLY A 16 -2.91 24.96 -14.99
CA GLY A 16 -2.31 26.16 -15.57
C GLY A 16 -2.15 27.22 -14.51
N ASN A 17 -1.71 28.41 -14.90
CA ASN A 17 -1.51 29.51 -13.96
C ASN A 17 -0.79 29.01 -12.73
N LEU A 18 0.26 28.25 -12.98
CA LEU A 18 1.10 27.73 -11.92
C LEU A 18 1.67 28.83 -11.04
N ASP A 19 1.94 30.01 -11.61
CA ASP A 19 2.56 31.11 -10.83
C ASP A 19 1.62 31.66 -9.75
N ASP A 20 0.33 31.30 -9.79
CA ASP A 20 -0.58 31.64 -8.69
C ASP A 20 -0.53 30.72 -7.46
N THR A 22 0.90 29.32 -4.04
CA THR A 22 1.56 30.06 -2.96
C THR A 22 3.04 29.77 -2.86
N PHE A 23 3.77 30.77 -2.36
CA PHE A 23 5.17 30.59 -2.07
C PHE A 23 5.41 29.36 -1.19
N ARG A 24 4.58 29.22 -0.17
CA ARG A 24 4.68 28.08 0.74
C ARG A 24 4.63 26.77 -0.01
N ALA A 25 3.71 26.66 -0.95
CA ALA A 25 3.56 25.43 -1.73
C ALA A 25 4.76 25.17 -2.63
N VAL A 26 5.24 26.20 -3.32
CA VAL A 26 6.40 26.01 -4.21
C VAL A 26 7.66 25.69 -3.38
N ASN A 27 7.80 26.34 -2.25
CA ASN A 27 8.98 26.16 -1.40
C ASN A 27 8.98 24.74 -0.84
N THR A 28 7.79 24.25 -0.52
CA THR A 28 7.61 22.88 -0.04
C THR A 28 8.11 21.89 -1.06
N LEU A 29 7.71 22.05 -2.31
CA LEU A 29 8.15 21.19 -3.39
C LEU A 29 9.66 21.36 -3.63
N ARG A 30 10.13 22.60 -3.57
CA ARG A 30 11.52 22.88 -3.88
C ARG A 30 12.48 22.13 -2.94
N ASN A 31 12.13 22.09 -1.64
CA ASN A 31 13.00 21.55 -0.62
C ASN A 31 12.66 20.18 -0.09
N ALA A 32 11.70 19.50 -0.72
CA ALA A 32 11.27 18.18 -0.27
C ALA A 32 12.35 17.17 -0.46
N GLY A 33 12.39 16.15 0.39
CA GLY A 33 13.35 15.06 0.21
C GLY A 33 13.04 14.27 -1.05
N ALA A 34 11.76 14.21 -1.41
CA ALA A 34 11.36 13.52 -2.67
C ALA A 34 9.99 14.03 -2.99
N ILE A 35 9.61 13.90 -4.25
CA ILE A 35 8.28 14.26 -4.66
C ILE A 35 7.62 13.00 -5.18
N ALA A 36 6.43 12.69 -4.68
CA ALA A 36 5.69 11.48 -5.10
C ALA A 36 4.56 11.94 -5.99
N CYS A 37 4.34 11.24 -7.08
CA CYS A 37 3.35 11.71 -8.00
C CYS A 37 2.84 10.55 -8.81
N GLU A 38 1.61 10.68 -9.27
CA GLU A 38 1.03 9.63 -10.08
C GLU A 38 1.24 9.95 -11.56
N ASP A 39 1.38 11.23 -11.88
CA ASP A 39 1.51 11.68 -13.27
C ASP A 39 2.90 12.32 -13.37
N THR A 40 3.91 11.50 -13.67
CA THR A 40 5.28 12.00 -13.68
C THR A 40 5.53 13.07 -14.74
N ARG A 41 4.90 12.91 -15.89
CA ARG A 41 5.08 13.86 -16.97
C ARG A 41 4.58 15.26 -16.59
N ARG A 42 3.38 15.32 -16.04
CA ARG A 42 2.80 16.58 -15.59
C ARG A 42 3.67 17.17 -14.45
N THR A 43 4.16 16.31 -13.56
CA THR A 43 4.95 16.79 -12.43
C THR A 43 6.31 17.37 -12.90
N SER A 44 6.92 16.72 -13.88
CA SER A 44 8.18 17.25 -14.42
C SER A 44 7.98 18.64 -15.04
N ILE A 45 6.88 18.83 -15.75
CA ILE A 45 6.57 20.11 -16.32
C ILE A 45 6.44 21.19 -15.23
N LEU A 46 5.72 20.88 -14.17
CA LEU A 46 5.61 21.78 -13.01
C LEU A 46 6.94 22.15 -12.39
N LEU A 47 7.77 21.13 -12.11
CA LEU A 47 9.07 21.38 -11.53
C LEU A 47 9.97 22.22 -12.42
N LYS A 48 10.02 21.93 -13.71
CA LYS A 48 10.77 22.71 -14.67
C LYS A 48 10.31 24.16 -14.64
N HIS A 49 8.99 24.36 -14.58
CA HIS A 49 8.44 25.71 -14.53
C HIS A 49 9.01 26.55 -13.39
N PHE A 50 9.18 25.94 -12.22
CA PHE A 50 9.65 26.70 -11.06
C PHE A 50 11.15 26.60 -10.87
N GLY A 51 11.83 25.99 -11.84
CA GLY A 51 13.27 25.80 -11.78
C GLY A 51 13.72 24.90 -10.63
N ILE A 52 12.95 23.86 -10.36
CA ILE A 52 13.26 22.89 -9.33
C ILE A 52 14.00 21.77 -10.06
N GLU A 53 15.29 21.67 -9.79
CA GLU A 53 16.17 20.74 -10.48
C GLU A 53 16.71 19.66 -9.57
N GLY A 54 16.86 18.48 -10.13
CA GLY A 54 17.55 17.37 -9.51
C GLY A 54 16.76 16.64 -8.44
N LYS A 55 15.47 16.88 -8.35
CA LYS A 55 14.64 16.30 -7.33
C LYS A 55 14.42 14.78 -7.51
N ARG A 56 14.50 14.03 -6.43
CA ARG A 56 14.14 12.59 -6.49
C ARG A 56 12.62 12.48 -6.65
N LEU A 57 12.19 11.74 -7.67
CA LEU A 57 10.77 11.53 -7.91
C LEU A 57 10.41 10.11 -7.58
N VAL A 58 9.27 9.92 -6.91
CA VAL A 58 8.72 8.55 -6.68
C VAL A 58 7.45 8.45 -7.51
N SER A 59 7.43 7.62 -8.52
CA SER A 59 6.32 7.59 -9.42
C SER A 59 5.41 6.41 -9.06
N TYR A 60 4.16 6.71 -8.80
CA TYR A 60 3.16 5.74 -8.44
C TYR A 60 2.49 5.12 -9.66
N HIS A 61 2.50 3.79 -9.74
CA HIS A 61 1.76 3.02 -10.78
C HIS A 61 0.98 1.92 -10.05
N SER A 62 -0.25 1.61 -10.44
CA SER A 62 -0.97 0.50 -9.77
C SER A 62 -0.16 -0.80 -9.55
N PHE A 63 0.38 -1.37 -10.62
CA PHE A 63 1.05 -2.66 -10.52
C PHE A 63 2.22 -2.61 -9.54
N ASN A 64 2.87 -1.46 -9.45
CA ASN A 64 4.02 -1.29 -8.58
C ASN A 64 3.71 -0.37 -7.40
N GLU A 65 2.44 -0.38 -7.00
CA GLU A 65 1.97 0.42 -5.88
C GLU A 65 2.89 0.23 -4.69
N GLU A 66 3.20 -1.03 -4.38
CA GLU A 66 3.97 -1.37 -3.18
C GLU A 66 5.32 -0.68 -3.15
N ARG A 67 5.99 -0.65 -4.29
CA ARG A 67 7.33 -0.10 -4.37
C ARG A 67 7.31 1.40 -4.06
N ALA A 68 6.33 2.14 -4.61
CA ALA A 68 6.23 3.58 -4.36
C ALA A 68 5.87 3.85 -2.93
N VAL A 69 4.93 3.08 -2.40
CA VAL A 69 4.55 3.24 -0.99
C VAL A 69 5.74 2.93 -0.07
N ARG A 70 6.45 1.85 -0.34
CA ARG A 70 7.60 1.49 0.45
C ARG A 70 8.64 2.59 0.45
N GLN A 71 8.93 3.13 -0.71
CA GLN A 71 9.93 4.19 -0.82
C GLN A 71 9.55 5.42 0.00
N VAL A 72 8.27 5.80 -0.05
CA VAL A 72 7.79 6.97 0.67
C VAL A 72 7.84 6.72 2.17
N ILE A 73 7.36 5.57 2.61
CA ILE A 73 7.36 5.25 4.04
C ILE A 73 8.78 5.18 4.57
N GLU A 74 9.69 4.58 3.82
CA GLU A 74 11.08 4.51 4.25
C GLU A 74 11.66 5.89 4.39
N LEU A 75 11.41 6.77 3.42
CA LEU A 75 11.95 8.12 3.50
C LEU A 75 11.39 8.89 4.71
N LEU A 76 10.11 8.78 4.96
CA LEU A 76 9.46 9.43 6.12
C LEU A 76 10.00 8.88 7.45
N GLU A 77 10.18 7.57 7.52
CA GLU A 77 10.74 6.97 8.74
C GLU A 77 12.18 7.44 8.99
N GLU A 78 12.92 7.68 7.91
CA GLU A 78 14.25 8.22 8.02
C GLU A 78 14.32 9.72 8.30
N GLY A 79 13.18 10.38 8.50
CA GLY A 79 13.15 11.78 8.94
C GLY A 79 13.15 12.79 7.80
N SER A 80 12.89 12.33 6.58
CA SER A 80 12.85 13.21 5.42
C SER A 80 11.40 13.54 5.09
N ASP A 81 11.10 14.80 4.82
CA ASP A 81 9.80 15.11 4.25
C ASP A 81 9.65 14.60 2.84
N VAL A 82 8.41 14.34 2.45
CA VAL A 82 8.06 13.97 1.09
C VAL A 82 6.87 14.81 0.69
N ALA A 83 6.81 15.27 -0.57
CA ALA A 83 5.68 16.02 -1.05
C ALA A 83 4.92 15.14 -2.03
N LEU A 84 3.65 14.90 -1.78
CA LEU A 84 2.78 14.19 -2.73
C LEU A 84 2.02 15.27 -3.52
N VAL A 85 2.18 15.27 -4.83
N VAL A 85 2.12 15.22 -4.84
CA VAL A 85 1.46 16.20 -5.65
CA VAL A 85 1.54 16.21 -5.74
C VAL A 85 0.17 15.53 -6.09
C VAL A 85 0.26 15.65 -6.35
N THR A 86 -0.89 16.32 -6.11
CA THR A 86 -2.15 15.88 -6.61
C THR A 86 -2.66 17.00 -7.48
N ASP A 87 -3.65 16.72 -8.30
CA ASP A 87 -4.30 17.79 -9.08
C ASP A 87 -5.22 18.64 -8.22
N ALA A 88 -5.17 19.96 -8.42
CA ALA A 88 -5.95 20.93 -7.61
C ALA A 88 -7.46 20.77 -7.75
N GLY A 89 -7.89 20.40 -8.97
CA GLY A 89 -9.31 20.40 -9.28
C GLY A 89 -10.13 19.19 -8.85
N THR A 90 -9.49 18.11 -8.43
CA THR A 90 -10.27 16.95 -7.96
C THR A 90 -9.92 16.60 -6.50
N PRO A 91 -10.87 15.96 -5.80
CA PRO A 91 -10.61 15.62 -4.40
C PRO A 91 -9.38 14.74 -4.25
N ALA A 92 -8.57 15.03 -3.24
CA ALA A 92 -7.31 14.30 -3.04
C ALA A 92 -7.55 12.82 -2.75
N ILE A 93 -8.60 12.51 -1.99
CA ILE A 93 -8.85 11.11 -1.67
C ILE A 93 -9.22 10.27 -2.92
N SER A 94 -9.54 10.92 -4.03
N SER A 94 -9.53 10.92 -4.04
CA SER A 94 -9.82 10.20 -5.28
CA SER A 94 -9.83 10.19 -5.28
C SER A 94 -8.55 9.95 -6.10
C SER A 94 -8.64 10.16 -6.26
N ASP A 95 -7.49 10.73 -5.88
CA ASP A 95 -6.21 10.62 -6.68
C ASP A 95 -5.63 9.22 -6.35
N PRO A 96 -5.24 8.41 -7.38
CA PRO A 96 -4.77 7.03 -7.04
C PRO A 96 -3.58 7.09 -6.06
N GLY A 97 -2.82 8.18 -6.12
CA GLY A 97 -1.65 8.39 -5.25
C GLY A 97 -1.98 8.58 -3.78
N TYR A 98 -3.26 8.80 -3.47
CA TYR A 98 -3.65 8.93 -2.08
C TYR A 98 -3.33 7.67 -1.26
N THR A 99 -3.17 6.53 -1.91
CA THR A 99 -2.75 5.32 -1.21
C THR A 99 -1.50 5.56 -0.39
N ALA A 101 -0.62 8.48 1.08
CA ALA A 101 -1.04 9.21 2.27
C ALA A 101 -1.75 8.32 3.28
N SER A 102 -2.62 7.44 2.82
CA SER A 102 -3.26 6.49 3.72
C SER A 102 -2.22 5.53 4.36
N ALA A 103 -1.23 5.07 3.61
CA ALA A 103 -0.19 4.23 4.18
C ALA A 103 0.61 5.00 5.27
N ALA A 104 0.95 6.26 5.01
CA ALA A 104 1.69 7.08 5.98
C ALA A 104 0.89 7.18 7.25
N HIS A 105 -0.40 7.46 7.09
CA HIS A 105 -1.27 7.51 8.28
C HIS A 105 -1.30 6.17 9.05
N ALA A 106 -1.40 5.07 8.31
CA ALA A 106 -1.37 3.72 8.92
C ALA A 106 -0.06 3.48 9.70
N ALA A 107 1.03 4.08 9.26
CA ALA A 107 2.31 3.98 9.89
C ALA A 107 2.52 5.03 11.01
N GLY A 108 1.52 5.83 11.33
CA GLY A 108 1.66 6.81 12.39
C GLY A 108 2.53 7.99 11.99
N LEU A 109 2.58 8.27 10.69
CA LEU A 109 3.37 9.37 10.17
C LEU A 109 2.46 10.55 9.81
N PRO A 110 2.94 11.78 9.99
CA PRO A 110 2.12 12.98 9.81
C PRO A 110 1.80 13.23 8.33
N VAL A 111 0.55 13.56 8.04
CA VAL A 111 0.13 13.87 6.67
C VAL A 111 -0.51 15.25 6.75
N VAL A 112 0.05 16.20 6.03
CA VAL A 112 -0.28 17.60 6.16
C VAL A 112 -0.62 18.22 4.83
N PRO A 113 -1.81 18.83 4.74
CA PRO A 113 -2.18 19.47 3.48
C PRO A 113 -1.48 20.81 3.30
N VAL A 114 -1.08 21.13 2.07
CA VAL A 114 -0.53 22.44 1.78
C VAL A 114 -1.48 23.14 0.81
N PRO A 115 -2.29 24.11 1.34
CA PRO A 115 -3.38 24.88 0.70
C PRO A 115 -2.96 25.55 -0.58
N HIS B 4 -28.88 -2.40 -11.68
CA HIS B 4 -28.24 -1.06 -11.87
C HIS B 4 -27.73 -0.55 -10.52
N LYS B 5 -26.45 -0.26 -10.44
CA LYS B 5 -25.83 0.11 -9.19
C LYS B 5 -25.77 1.62 -9.05
N GLY B 6 -25.72 2.12 -7.81
CA GLY B 6 -25.51 3.54 -7.58
C GLY B 6 -24.03 3.86 -7.72
N THR B 7 -23.73 5.13 -7.85
CA THR B 7 -22.37 5.65 -7.95
C THR B 7 -22.01 6.37 -6.67
N LEU B 8 -20.76 6.18 -6.22
CA LEU B 8 -20.21 6.95 -5.11
C LEU B 8 -19.56 8.19 -5.70
N TYR B 9 -20.17 9.35 -5.52
CA TYR B 9 -19.58 10.62 -5.98
C TYR B 9 -18.73 11.24 -4.88
N VAL B 10 -17.49 11.58 -5.21
CA VAL B 10 -16.61 12.24 -4.23
C VAL B 10 -16.54 13.74 -4.52
N VAL B 11 -17.04 14.52 -3.56
CA VAL B 11 -17.32 15.92 -3.79
C VAL B 11 -16.59 16.80 -2.77
N ALA B 12 -15.74 17.70 -3.26
CA ALA B 12 -15.08 18.70 -2.43
C ALA B 12 -16.00 19.89 -2.16
N THR B 13 -15.86 20.50 -1.00
CA THR B 13 -16.59 21.71 -0.69
C THR B 13 -15.60 22.88 -0.71
N PRO B 14 -16.00 24.04 -1.28
CA PRO B 14 -15.03 25.12 -1.34
C PRO B 14 -14.89 25.78 0.02
N LEU B 15 -13.74 26.40 0.22
CA LEU B 15 -13.57 27.34 1.32
C LEU B 15 -14.31 28.61 0.91
N GLY B 16 -14.81 29.35 1.89
CA GLY B 16 -15.56 30.57 1.58
C GLY B 16 -16.87 30.35 0.84
N ASN B 17 -17.05 31.02 -0.29
CA ASN B 17 -18.36 31.16 -0.91
C ASN B 17 -18.84 29.88 -1.54
N LEU B 18 -19.91 29.32 -1.00
CA LEU B 18 -20.48 28.06 -1.52
C LEU B 18 -20.99 28.19 -2.97
N ASP B 19 -21.22 29.40 -3.45
CA ASP B 19 -21.61 29.56 -4.85
C ASP B 19 -20.50 29.24 -5.84
N ASP B 20 -19.28 29.00 -5.31
CA ASP B 20 -18.22 28.51 -6.19
C ASP B 20 -18.31 27.00 -6.43
N THR B 22 -20.03 23.86 -8.38
CA THR B 22 -20.60 23.62 -9.65
C THR B 22 -22.01 23.05 -9.54
N PHE B 23 -22.75 23.23 -10.65
CA PHE B 23 -24.06 22.65 -10.73
C PHE B 23 -23.96 21.12 -10.65
N ARG B 24 -22.93 20.57 -11.31
CA ARG B 24 -22.67 19.10 -11.29
C ARG B 24 -22.53 18.58 -9.86
N ALA B 25 -21.72 19.30 -9.08
CA ALA B 25 -21.50 18.94 -7.71
C ALA B 25 -22.77 18.99 -6.85
N VAL B 26 -23.57 20.04 -6.99
CA VAL B 26 -24.76 20.17 -6.19
C VAL B 26 -25.79 19.14 -6.65
N ASN B 27 -25.82 18.86 -7.95
CA ASN B 27 -26.66 17.79 -8.49
C ASN B 27 -26.39 16.43 -7.85
N THR B 28 -25.14 16.11 -7.53
CA THR B 28 -24.83 14.85 -6.89
C THR B 28 -25.45 14.81 -5.50
N LEU B 29 -25.51 15.93 -4.80
CA LEU B 29 -26.23 15.98 -3.52
C LEU B 29 -27.75 15.79 -3.70
N ARG B 30 -28.32 16.45 -4.69
CA ARG B 30 -29.76 16.39 -4.90
C ARG B 30 -30.21 14.99 -5.27
N ASN B 31 -29.35 14.27 -6.00
CA ASN B 31 -29.68 12.98 -6.51
C ASN B 31 -29.28 11.81 -5.61
N ALA B 32 -28.62 12.10 -4.50
CA ALA B 32 -28.08 11.05 -3.59
C ALA B 32 -29.19 10.49 -2.73
N GLY B 33 -29.11 9.17 -2.48
CA GLY B 33 -29.95 8.54 -1.45
C GLY B 33 -29.47 8.92 -0.04
N ALA B 34 -28.20 9.25 0.10
CA ALA B 34 -27.61 9.68 1.39
C ALA B 34 -26.34 10.44 1.13
N ILE B 35 -25.96 11.28 2.08
CA ILE B 35 -24.77 12.09 1.97
C ILE B 35 -23.84 11.65 3.10
N ALA B 36 -22.66 11.17 2.73
CA ALA B 36 -21.71 10.69 3.72
C ALA B 36 -20.78 11.87 4.00
N CYS B 37 -20.55 12.22 5.26
CA CYS B 37 -19.73 13.37 5.57
C CYS B 37 -18.99 13.25 6.90
N GLU B 38 -17.93 14.04 7.10
N GLU B 38 -17.96 14.07 7.07
CA GLU B 38 -17.22 14.03 8.36
CA GLU B 38 -17.17 14.11 8.31
C GLU B 38 -17.52 15.23 9.23
C GLU B 38 -17.75 15.10 9.30
N ASP B 39 -18.35 16.16 8.77
CA ASP B 39 -18.74 17.32 9.60
C ASP B 39 -20.21 17.60 9.31
N THR B 40 -21.09 17.06 10.14
CA THR B 40 -22.51 17.17 9.86
C THR B 40 -22.97 18.64 9.86
N ARG B 41 -22.41 19.46 10.74
CA ARG B 41 -22.80 20.87 10.82
C ARG B 41 -22.52 21.62 9.52
N ARG B 42 -21.30 21.48 9.02
CA ARG B 42 -20.93 22.17 7.80
C ARG B 42 -21.73 21.60 6.63
N THR B 43 -21.96 20.29 6.65
CA THR B 43 -22.78 19.67 5.58
C THR B 43 -24.22 20.15 5.58
N SER B 44 -24.82 20.26 6.77
CA SER B 44 -26.17 20.80 6.87
C SER B 44 -26.22 22.22 6.36
N ILE B 45 -25.24 23.03 6.71
CA ILE B 45 -25.18 24.41 6.23
C ILE B 45 -25.14 24.44 4.70
N LEU B 46 -24.33 23.57 4.11
CA LEU B 46 -24.21 23.45 2.65
C LEU B 46 -25.56 23.06 1.99
N LEU B 47 -26.26 22.07 2.54
CA LEU B 47 -27.53 21.65 2.01
C LEU B 47 -28.56 22.76 2.14
N LYS B 48 -28.57 23.44 3.28
CA LYS B 48 -29.51 24.54 3.48
C LYS B 48 -29.27 25.68 2.49
N HIS B 49 -28.01 25.99 2.21
CA HIS B 49 -27.65 27.03 1.24
C HIS B 49 -28.30 26.77 -0.13
N PHE B 50 -28.36 25.52 -0.53
CA PHE B 50 -28.94 25.16 -1.81
C PHE B 50 -30.40 24.73 -1.74
N GLY B 51 -31.03 24.84 -0.59
CA GLY B 51 -32.44 24.52 -0.44
C GLY B 51 -32.76 23.05 -0.52
N ILE B 52 -31.77 22.20 -0.19
CA ILE B 52 -31.88 20.76 -0.28
C ILE B 52 -32.26 20.22 1.10
N GLU B 53 -33.51 19.78 1.22
CA GLU B 53 -34.07 19.34 2.50
C GLU B 53 -34.30 17.83 2.50
N GLY B 54 -34.27 17.24 3.68
CA GLY B 54 -34.67 15.82 3.83
C GLY B 54 -33.59 14.77 3.59
N LYS B 55 -32.36 15.17 3.29
CA LYS B 55 -31.29 14.19 3.08
C LYS B 55 -30.78 13.52 4.36
N ARG B 56 -30.61 12.21 4.25
CA ARG B 56 -30.01 11.43 5.32
C ARG B 56 -28.53 11.71 5.30
N LEU B 57 -27.95 12.04 6.44
CA LEU B 57 -26.50 12.17 6.53
C LEU B 57 -25.91 10.94 7.20
N VAL B 58 -24.83 10.40 6.62
CA VAL B 58 -24.11 9.29 7.21
C VAL B 58 -22.74 9.85 7.67
N SER B 59 -22.51 9.96 8.97
CA SER B 59 -21.12 10.24 9.50
C SER B 59 -20.07 9.17 9.20
N TYR B 60 -18.90 9.55 8.67
CA TYR B 60 -17.84 8.55 8.46
C TYR B 60 -16.64 8.65 9.44
N HIS B 61 -16.88 9.01 10.70
CA HIS B 61 -15.76 9.04 11.69
C HIS B 61 -15.09 7.68 11.89
N SER B 62 -13.81 7.67 12.29
CA SER B 62 -13.03 6.42 12.52
C SER B 62 -13.78 5.35 13.29
N PHE B 63 -14.23 5.69 14.50
CA PHE B 63 -14.84 4.71 15.40
C PHE B 63 -15.95 3.92 14.69
N ASN B 64 -16.85 4.66 14.04
CA ASN B 64 -18.01 4.01 13.39
C ASN B 64 -17.82 3.71 11.92
N GLU B 65 -16.58 3.73 11.44
CA GLU B 65 -16.29 3.63 9.98
C GLU B 65 -16.91 2.40 9.34
N GLU B 66 -16.75 1.25 9.99
CA GLU B 66 -17.30 0.01 9.47
C GLU B 66 -18.81 0.12 9.28
N ARG B 67 -19.50 0.72 10.23
CA ARG B 67 -20.93 0.87 10.10
C ARG B 67 -21.29 1.83 8.96
N ALA B 68 -20.58 2.95 8.85
CA ALA B 68 -20.86 3.90 7.79
C ALA B 68 -20.60 3.24 6.41
N VAL B 69 -19.52 2.46 6.32
CA VAL B 69 -19.26 1.73 5.08
C VAL B 69 -20.36 0.80 4.71
N ARG B 70 -20.82 -0.02 5.65
CA ARG B 70 -21.97 -0.89 5.37
C ARG B 70 -23.19 -0.12 4.87
N GLN B 71 -23.48 0.99 5.54
CA GLN B 71 -24.65 1.77 5.18
C GLN B 71 -24.55 2.28 3.73
N VAL B 72 -23.36 2.74 3.36
CA VAL B 72 -23.16 3.29 2.04
C VAL B 72 -23.15 2.20 0.96
N ILE B 73 -22.49 1.09 1.24
CA ILE B 73 -22.51 -0.04 0.29
C ILE B 73 -23.91 -0.53 0.02
N GLU B 74 -24.71 -0.65 1.09
CA GLU B 74 -26.10 -1.09 0.94
C GLU B 74 -26.88 -0.18 0.02
N LEU B 75 -26.74 1.14 0.19
CA LEU B 75 -27.43 2.06 -0.69
C LEU B 75 -26.97 1.94 -2.12
N LEU B 76 -25.66 1.88 -2.35
CA LEU B 76 -25.14 1.72 -3.72
C LEU B 76 -25.59 0.43 -4.39
N GLU B 77 -25.59 -0.68 -3.64
CA GLU B 77 -26.01 -1.95 -4.18
C GLU B 77 -27.51 -1.97 -4.43
N GLU B 78 -28.27 -1.16 -3.69
CA GLU B 78 -29.69 -1.03 -3.92
C GLU B 78 -30.02 -0.09 -5.10
N GLY B 79 -29.01 0.53 -5.70
CA GLY B 79 -29.16 1.36 -6.90
C GLY B 79 -29.19 2.87 -6.66
N SER B 80 -28.93 3.31 -5.43
CA SER B 80 -28.94 4.75 -5.10
C SER B 80 -27.54 5.31 -5.09
N ASP B 81 -27.38 6.52 -5.60
CA ASP B 81 -26.07 7.19 -5.54
C ASP B 81 -25.85 7.65 -4.12
N VAL B 82 -24.58 7.79 -3.75
CA VAL B 82 -24.23 8.36 -2.48
C VAL B 82 -23.18 9.46 -2.78
N ALA B 83 -23.33 10.61 -2.12
CA ALA B 83 -22.34 11.64 -2.22
C ALA B 83 -21.46 11.65 -1.00
N LEU B 84 -20.16 11.61 -1.21
CA LEU B 84 -19.18 11.65 -0.11
C LEU B 84 -18.58 13.02 -0.15
N VAL B 85 -18.86 13.81 0.90
CA VAL B 85 -18.53 15.20 0.97
C VAL B 85 -17.37 15.37 1.92
N THR B 86 -16.30 15.97 1.42
CA THR B 86 -15.14 16.22 2.25
C THR B 86 -15.22 17.62 2.81
N ASP B 87 -14.63 17.78 4.01
CA ASP B 87 -14.53 19.06 4.67
C ASP B 87 -13.83 20.06 3.77
N ALA B 88 -14.26 21.30 3.87
CA ALA B 88 -13.74 22.34 2.99
C ALA B 88 -12.21 22.49 3.13
N GLY B 89 -11.58 22.65 1.99
CA GLY B 89 -10.15 22.76 1.91
C GLY B 89 -9.72 22.06 0.64
N THR B 90 -8.58 22.49 0.14
CA THR B 90 -7.95 21.78 -0.94
C THR B 90 -6.44 21.98 -0.78
N PRO B 91 -5.70 20.86 -0.60
CA PRO B 91 -6.28 19.51 -0.62
C PRO B 91 -6.97 19.18 0.71
N ALA B 92 -7.86 18.20 0.67
CA ALA B 92 -8.61 17.74 1.82
C ALA B 92 -8.06 16.34 2.16
N ILE B 93 -7.53 16.22 3.38
CA ILE B 93 -7.01 14.93 3.87
C ILE B 93 -8.16 14.25 4.66
N SER B 94 -8.49 13.02 4.32
CA SER B 94 -9.44 12.28 5.14
C SER B 94 -9.18 10.82 4.97
N ASP B 95 -8.50 10.25 5.92
CA ASP B 95 -8.32 8.82 5.88
C ASP B 95 -9.63 8.03 5.92
N PRO B 96 -10.57 8.41 6.79
CA PRO B 96 -11.85 7.72 6.76
C PRO B 96 -12.55 7.83 5.42
N GLY B 97 -12.48 8.99 4.78
CA GLY B 97 -13.12 9.14 3.51
C GLY B 97 -12.52 8.23 2.43
N TYR B 98 -11.21 8.17 2.40
CA TYR B 98 -10.49 7.30 1.50
C TYR B 98 -10.87 5.84 1.71
N THR B 99 -10.93 5.45 2.99
CA THR B 99 -11.34 4.09 3.37
C THR B 99 -12.71 3.72 2.83
N ALA B 101 -14.28 5.25 0.10
CA ALA B 101 -14.10 5.14 -1.36
C ALA B 101 -13.43 3.84 -1.76
N SER B 102 -12.39 3.47 -1.03
CA SER B 102 -11.68 2.21 -1.27
C SER B 102 -12.59 0.98 -1.18
N ALA B 103 -13.46 0.98 -0.18
CA ALA B 103 -14.41 -0.09 0.04
C ALA B 103 -15.38 -0.17 -1.11
N ALA B 104 -15.85 0.98 -1.62
CA ALA B 104 -16.72 0.96 -2.77
C ALA B 104 -16.05 0.41 -4.02
N HIS B 105 -14.82 0.83 -4.24
CA HIS B 105 -14.06 0.34 -5.36
C HIS B 105 -13.78 -1.18 -5.25
N ALA B 106 -13.44 -1.64 -4.08
CA ALA B 106 -13.19 -3.08 -3.88
C ALA B 106 -14.44 -3.95 -4.17
N ALA B 107 -15.62 -3.41 -3.91
CA ALA B 107 -16.88 -4.03 -4.23
C ALA B 107 -17.28 -3.87 -5.69
N GLY B 108 -16.49 -3.16 -6.46
CA GLY B 108 -16.71 -3.04 -7.92
C GLY B 108 -17.75 -1.99 -8.22
N LEU B 109 -17.98 -1.10 -7.27
CA LEU B 109 -18.99 -0.07 -7.46
C LEU B 109 -18.31 1.16 -8.04
N PRO B 110 -19.04 1.90 -8.87
CA PRO B 110 -18.46 3.06 -9.51
C PRO B 110 -18.13 4.18 -8.51
N VAL B 111 -16.91 4.71 -8.59
CA VAL B 111 -16.50 5.84 -7.77
C VAL B 111 -16.07 6.98 -8.73
N VAL B 112 -16.74 8.11 -8.63
CA VAL B 112 -16.54 9.20 -9.57
C VAL B 112 -16.20 10.48 -8.82
N PRO B 113 -14.96 10.99 -9.00
CA PRO B 113 -14.66 12.28 -8.42
C PRO B 113 -15.36 13.38 -9.18
N VAL B 114 -15.85 14.37 -8.46
CA VAL B 114 -16.45 15.53 -9.07
C VAL B 114 -15.47 16.73 -9.05
N PRO B 115 -15.13 17.29 -10.23
CA PRO B 115 -14.28 18.49 -10.30
C PRO B 115 -14.84 19.67 -9.51
N GLY B 116 -13.97 20.43 -8.85
CA GLY B 116 -14.43 21.60 -8.07
C GLY B 116 -13.36 22.69 -8.02
N HIS C 4 11.25 -33.18 -26.18
CA HIS C 4 11.66 -31.88 -25.56
C HIS C 4 11.13 -31.69 -24.14
N LYS C 5 12.03 -31.63 -23.16
CA LYS C 5 11.61 -31.11 -21.85
C LYS C 5 11.29 -29.63 -21.93
N GLY C 6 10.53 -29.17 -20.95
CA GLY C 6 10.11 -27.80 -20.91
C GLY C 6 11.26 -26.91 -20.49
N THR C 7 11.13 -25.64 -20.83
CA THR C 7 12.10 -24.60 -20.51
C THR C 7 11.56 -23.71 -19.38
N LEU C 8 12.46 -23.35 -18.47
CA LEU C 8 12.20 -22.34 -17.47
C LEU C 8 12.56 -20.98 -18.08
N TYR C 9 11.54 -20.16 -18.32
CA TYR C 9 11.77 -18.78 -18.77
C TYR C 9 11.78 -17.84 -17.60
N VAL C 10 12.84 -17.07 -17.46
CA VAL C 10 12.95 -16.14 -16.33
C VAL C 10 12.67 -14.72 -16.84
N VAL C 11 11.48 -14.23 -16.54
CA VAL C 11 10.95 -13.06 -17.22
C VAL C 11 11.03 -11.88 -16.29
N ALA C 12 11.85 -10.88 -16.65
CA ALA C 12 11.95 -9.63 -15.92
C ALA C 12 10.72 -8.77 -16.12
N THR C 13 10.20 -8.20 -15.04
CA THR C 13 9.06 -7.29 -15.13
C THR C 13 9.55 -5.88 -14.80
N PRO C 14 8.89 -4.87 -15.36
CA PRO C 14 9.40 -3.50 -15.19
C PRO C 14 9.24 -2.98 -13.77
N LEU C 15 10.07 -2.01 -13.39
CA LEU C 15 9.92 -1.41 -12.08
C LEU C 15 8.73 -0.45 -12.05
N GLY C 16 8.38 0.09 -13.21
CA GLY C 16 7.40 1.17 -13.28
C GLY C 16 6.19 0.74 -14.07
N ASN C 17 6.09 1.25 -15.29
CA ASN C 17 4.93 0.97 -16.15
C ASN C 17 4.96 -0.43 -16.76
N LEU C 18 3.92 -1.21 -16.53
CA LEU C 18 3.82 -2.53 -17.13
C LEU C 18 3.95 -2.52 -18.66
N ASP C 19 3.59 -1.43 -19.31
CA ASP C 19 3.68 -1.42 -20.76
C ASP C 19 5.09 -1.32 -21.30
N ASP C 20 6.07 -1.20 -20.39
CA ASP C 20 7.46 -1.34 -20.77
C ASP C 20 7.91 -2.80 -20.98
N THR C 22 7.98 -6.17 -23.25
CA THR C 22 8.01 -6.48 -24.66
C THR C 22 6.94 -7.53 -25.02
N PHE C 23 6.60 -7.57 -26.30
CA PHE C 23 5.62 -8.58 -26.76
C PHE C 23 6.18 -9.99 -26.60
N ARG C 24 7.47 -10.17 -26.89
CA ARG C 24 8.17 -11.44 -26.63
C ARG C 24 8.02 -11.91 -25.19
N ALA C 25 8.22 -11.01 -24.24
CA ALA C 25 8.10 -11.34 -22.83
C ALA C 25 6.67 -11.71 -22.45
N VAL C 26 5.68 -10.96 -22.92
CA VAL C 26 4.30 -11.29 -22.57
C VAL C 26 3.91 -12.61 -23.28
N ASN C 27 4.41 -12.82 -24.50
CA ASN C 27 4.09 -14.08 -25.18
C ASN C 27 4.59 -15.33 -24.41
N THR C 28 5.73 -15.19 -23.73
CA THR C 28 6.26 -16.25 -22.91
C THR C 28 5.27 -16.64 -21.82
N LEU C 29 4.67 -15.62 -21.19
CA LEU C 29 3.61 -15.82 -20.23
C LEU C 29 2.38 -16.49 -20.87
N ARG C 30 1.98 -16.02 -22.04
CA ARG C 30 0.82 -16.61 -22.72
C ARG C 30 0.99 -18.09 -23.08
N ASN C 31 2.22 -18.50 -23.39
CA ASN C 31 2.48 -19.86 -23.82
C ASN C 31 2.90 -20.78 -22.68
N ALA C 32 2.95 -20.27 -21.45
CA ALA C 32 3.44 -21.07 -20.34
C ALA C 32 2.37 -21.97 -19.77
N GLY C 33 2.78 -23.13 -19.27
CA GLY C 33 1.87 -24.04 -18.59
C GLY C 33 1.57 -23.57 -17.17
N ALA C 34 2.50 -22.83 -16.60
CA ALA C 34 2.31 -22.23 -15.29
C ALA C 34 3.21 -21.03 -15.16
N ILE C 35 2.84 -20.17 -14.24
CA ILE C 35 3.61 -19.01 -13.95
C ILE C 35 4.01 -19.05 -12.47
N ALA C 36 5.32 -18.99 -12.23
CA ALA C 36 5.92 -19.03 -10.90
C ALA C 36 6.29 -17.62 -10.48
N CYS C 37 5.98 -17.25 -9.24
CA CYS C 37 6.32 -15.93 -8.71
C CYS C 37 6.49 -15.93 -7.21
N GLU C 38 7.21 -14.92 -6.75
CA GLU C 38 7.28 -14.63 -5.32
C GLU C 38 5.94 -14.07 -4.91
N ASP C 39 5.59 -12.97 -5.56
CA ASP C 39 4.47 -12.12 -5.17
C ASP C 39 3.31 -12.45 -6.05
N THR C 40 2.36 -13.23 -5.53
CA THR C 40 1.21 -13.61 -6.32
C THR C 40 0.29 -12.44 -6.69
N ARG C 41 0.03 -11.55 -5.75
CA ARG C 41 -0.92 -10.47 -5.99
C ARG C 41 -0.48 -9.56 -7.13
N ARG C 42 0.81 -9.25 -7.16
CA ARG C 42 1.39 -8.41 -8.18
C ARG C 42 1.44 -9.12 -9.53
N THR C 43 1.69 -10.42 -9.48
CA THR C 43 1.75 -11.20 -10.72
C THR C 43 0.36 -11.29 -11.32
N SER C 44 -0.63 -11.36 -10.44
CA SER C 44 -2.01 -11.40 -10.87
C SER C 44 -2.46 -10.07 -11.51
N ILE C 45 -2.04 -8.94 -10.93
CA ILE C 45 -2.32 -7.63 -11.54
C ILE C 45 -1.72 -7.55 -12.96
N LEU C 46 -0.52 -8.04 -13.09
CA LEU C 46 0.17 -8.11 -14.37
C LEU C 46 -0.65 -8.93 -15.39
N LEU C 47 -1.05 -10.14 -15.00
CA LEU C 47 -1.76 -11.02 -15.97
C LEU C 47 -3.06 -10.37 -16.38
N LYS C 48 -3.74 -9.75 -15.44
CA LYS C 48 -4.97 -9.07 -15.73
C LYS C 48 -4.76 -7.86 -16.66
N HIS C 49 -3.68 -7.13 -16.49
CA HIS C 49 -3.38 -5.96 -17.33
C HIS C 49 -3.34 -6.38 -18.81
N PHE C 50 -2.75 -7.55 -19.07
CA PHE C 50 -2.57 -8.07 -20.41
C PHE C 50 -3.66 -8.99 -20.90
N GLY C 51 -4.70 -9.18 -20.11
CA GLY C 51 -5.85 -9.98 -20.54
C GLY C 51 -5.62 -11.47 -20.51
N ILE C 52 -4.65 -11.92 -19.72
CA ILE C 52 -4.24 -13.32 -19.66
C ILE C 52 -4.93 -14.01 -18.52
N GLU C 53 -5.87 -14.89 -18.86
CA GLU C 53 -6.71 -15.53 -17.88
C GLU C 53 -6.45 -17.02 -17.92
N GLY C 54 -6.65 -17.63 -16.77
CA GLY C 54 -6.62 -19.07 -16.69
C GLY C 54 -5.31 -19.70 -16.33
N LYS C 55 -4.24 -18.93 -16.18
CA LYS C 55 -2.93 -19.55 -15.89
C LYS C 55 -2.81 -20.06 -14.46
N ARG C 56 -2.26 -21.26 -14.34
CA ARG C 56 -1.86 -21.78 -13.06
C ARG C 56 -0.71 -20.97 -12.53
N LEU C 57 -0.82 -20.53 -11.28
CA LEU C 57 0.29 -19.88 -10.56
C LEU C 57 0.99 -20.83 -9.59
N VAL C 58 2.30 -20.68 -9.42
CA VAL C 58 3.12 -21.40 -8.45
C VAL C 58 3.84 -20.38 -7.58
N SER C 59 3.66 -20.42 -6.28
CA SER C 59 4.27 -19.40 -5.42
C SER C 59 5.59 -19.83 -4.74
N TYR C 60 6.66 -19.05 -4.90
CA TYR C 60 7.92 -19.30 -4.20
C TYR C 60 7.86 -18.42 -2.97
N HIS C 61 7.14 -18.92 -1.95
CA HIS C 61 6.67 -18.10 -0.81
C HIS C 61 7.24 -18.59 0.51
N PHE C 63 8.55 -20.52 3.95
CA PHE C 63 8.98 -21.91 4.16
C PHE C 63 8.22 -22.88 3.24
N ASN C 64 7.30 -22.33 2.47
CA ASN C 64 6.56 -23.06 1.43
C ASN C 64 7.34 -22.93 0.09
N GLU C 65 8.67 -22.92 0.17
CA GLU C 65 9.54 -22.66 -1.00
C GLU C 65 9.94 -23.94 -1.74
N GLU C 66 10.42 -24.96 -1.01
CA GLU C 66 10.78 -26.25 -1.60
C GLU C 66 9.63 -26.85 -2.45
N ARG C 67 8.42 -26.72 -1.94
CA ARG C 67 7.22 -27.18 -2.61
C ARG C 67 7.01 -26.53 -3.98
N ALA C 68 7.31 -25.23 -4.08
CA ALA C 68 7.21 -24.54 -5.36
C ALA C 68 8.28 -25.03 -6.32
N VAL C 69 9.51 -25.19 -5.84
CA VAL C 69 10.58 -25.68 -6.71
C VAL C 69 10.23 -27.06 -7.33
N ARG C 70 9.75 -27.99 -6.51
N ARG C 70 9.76 -27.99 -6.51
CA ARG C 70 9.37 -29.32 -6.98
CA ARG C 70 9.40 -29.30 -7.02
C ARG C 70 8.22 -29.28 -8.00
C ARG C 70 8.23 -29.26 -8.01
N GLN C 71 7.26 -28.40 -7.79
CA GLN C 71 6.14 -28.21 -8.72
C GLN C 71 6.61 -27.73 -10.10
N VAL C 72 7.58 -26.80 -10.11
CA VAL C 72 8.16 -26.30 -11.35
C VAL C 72 8.95 -27.37 -12.08
N ILE C 73 9.80 -28.09 -11.34
CA ILE C 73 10.55 -29.18 -11.95
C ILE C 73 9.63 -30.23 -12.53
N GLU C 74 8.59 -30.61 -11.79
CA GLU C 74 7.57 -31.55 -12.27
C GLU C 74 7.05 -31.12 -13.65
N LEU C 75 6.64 -29.86 -13.76
CA LEU C 75 6.08 -29.36 -15.00
C LEU C 75 7.07 -29.39 -16.12
N LEU C 76 8.29 -28.98 -15.83
CA LEU C 76 9.32 -28.97 -16.82
C LEU C 76 9.68 -30.38 -17.26
N GLU C 77 9.76 -31.30 -16.31
CA GLU C 77 10.06 -32.72 -16.66
C GLU C 77 8.92 -33.33 -17.50
N GLU C 78 7.71 -32.85 -17.30
CA GLU C 78 6.56 -33.26 -18.10
C GLU C 78 6.51 -32.60 -19.47
N GLY C 79 7.41 -31.68 -19.77
CA GLY C 79 7.47 -31.09 -21.09
C GLY C 79 6.72 -29.78 -21.19
N SER C 80 6.28 -29.22 -20.07
CA SER C 80 5.62 -27.93 -20.10
C SER C 80 6.52 -26.77 -19.74
N ASP C 81 6.41 -25.66 -20.45
CA ASP C 81 7.25 -24.50 -20.13
C ASP C 81 6.68 -23.79 -18.91
N VAL C 82 7.55 -23.26 -18.07
CA VAL C 82 7.16 -22.47 -16.93
C VAL C 82 7.82 -21.08 -17.05
N ALA C 83 7.06 -20.04 -16.76
CA ALA C 83 7.59 -18.70 -16.77
C ALA C 83 7.80 -18.26 -15.34
N LEU C 84 9.04 -17.95 -14.98
CA LEU C 84 9.31 -17.36 -13.68
C LEU C 84 9.30 -15.82 -13.81
N VAL C 85 8.34 -15.15 -13.17
CA VAL C 85 8.31 -13.70 -13.15
C VAL C 85 9.13 -13.18 -11.98
N THR C 86 10.05 -12.26 -12.28
CA THR C 86 10.92 -11.62 -11.28
C THR C 86 10.93 -10.13 -11.50
N ASP C 87 11.39 -9.38 -10.50
CA ASP C 87 11.45 -7.93 -10.59
C ASP C 87 12.48 -7.48 -11.60
N GLY C 97 13.66 -17.33 -7.38
CA GLY C 97 14.58 -16.92 -8.44
C GLY C 97 15.82 -17.79 -8.53
N TYR C 98 16.76 -17.54 -7.62
CA TYR C 98 18.00 -18.33 -7.54
C TYR C 98 17.67 -19.80 -7.22
N THR C 99 16.85 -20.01 -6.21
CA THR C 99 16.45 -21.36 -5.83
C THR C 99 15.90 -22.09 -7.04
N ALA C 101 15.88 -21.43 -10.51
CA ALA C 101 16.78 -21.62 -11.66
C ALA C 101 17.92 -22.59 -11.36
N SER C 102 18.38 -22.59 -10.11
CA SER C 102 19.41 -23.56 -9.65
C SER C 102 18.91 -24.98 -9.64
N ALA C 103 17.74 -25.19 -9.04
CA ALA C 103 17.10 -26.50 -9.08
C ALA C 103 16.94 -26.96 -10.53
N ALA C 104 16.53 -26.07 -11.42
CA ALA C 104 16.30 -26.48 -12.81
C ALA C 104 17.62 -26.87 -13.50
N HIS C 105 18.62 -25.99 -13.35
N HIS C 105 18.64 -26.03 -13.34
CA HIS C 105 19.96 -26.24 -13.88
CA HIS C 105 19.92 -26.31 -13.97
C HIS C 105 20.44 -27.61 -13.45
C HIS C 105 20.59 -27.58 -13.43
N ALA C 106 20.44 -27.86 -12.13
CA ALA C 106 20.97 -29.11 -11.54
C ALA C 106 20.26 -30.35 -12.08
N ALA C 107 18.97 -30.20 -12.38
CA ALA C 107 18.17 -31.28 -12.90
C ALA C 107 18.36 -31.43 -14.40
N GLY C 108 19.15 -30.57 -15.03
CA GLY C 108 19.39 -30.69 -16.48
C GLY C 108 18.35 -30.02 -17.37
N LEU C 109 17.57 -29.12 -16.79
CA LEU C 109 16.48 -28.46 -17.50
C LEU C 109 16.94 -27.09 -18.00
N PRO C 110 16.62 -26.72 -19.25
CA PRO C 110 17.01 -25.39 -19.77
C PRO C 110 16.38 -24.21 -19.04
N VAL C 111 17.19 -23.19 -18.78
CA VAL C 111 16.76 -21.93 -18.20
C VAL C 111 17.11 -20.81 -19.19
N VAL C 112 16.11 -20.01 -19.60
CA VAL C 112 16.27 -18.93 -20.56
C VAL C 112 15.83 -17.58 -19.96
N PRO C 113 16.79 -16.64 -19.78
CA PRO C 113 16.35 -15.33 -19.31
C PRO C 113 15.62 -14.58 -20.43
N VAL C 114 14.58 -13.85 -20.04
CA VAL C 114 13.80 -13.02 -20.94
C VAL C 114 13.87 -11.62 -20.31
N PRO C 115 14.93 -10.88 -20.66
CA PRO C 115 15.40 -9.74 -19.90
C PRO C 115 14.81 -8.43 -20.42
N ALA D 3 17.52 -5.84 -3.88
CA ALA D 3 16.42 -6.83 -4.19
C ALA D 3 15.71 -7.31 -2.91
N HIS D 4 15.42 -8.62 -2.82
CA HIS D 4 14.47 -9.26 -1.88
C HIS D 4 14.39 -8.78 -0.41
N LYS D 5 13.21 -8.36 0.00
CA LYS D 5 13.01 -7.84 1.34
C LYS D 5 12.82 -8.96 2.36
N GLY D 6 13.21 -8.68 3.59
CA GLY D 6 12.94 -9.61 4.66
C GLY D 6 11.47 -9.55 5.07
N THR D 7 11.09 -10.53 5.88
CA THR D 7 9.73 -10.70 6.44
C THR D 7 9.75 -10.41 7.91
N LEU D 8 8.69 -9.77 8.41
CA LEU D 8 8.50 -9.59 9.83
C LEU D 8 7.61 -10.74 10.30
N TYR D 9 8.21 -11.65 11.04
CA TYR D 9 7.45 -12.78 11.61
C TYR D 9 6.96 -12.37 12.99
N VAL D 10 5.69 -12.52 13.26
CA VAL D 10 5.13 -12.16 14.58
C VAL D 10 4.93 -13.47 15.39
N VAL D 11 5.73 -13.64 16.43
CA VAL D 11 5.84 -14.91 17.13
C VAL D 11 5.29 -14.72 18.54
N ALA D 12 4.18 -15.39 18.88
CA ALA D 12 3.59 -15.32 20.22
C ALA D 12 4.26 -16.29 21.16
N THR D 13 4.63 -15.83 22.34
CA THR D 13 5.08 -16.80 23.34
C THR D 13 3.88 -17.31 24.11
N PRO D 14 3.97 -18.53 24.61
CA PRO D 14 2.88 -19.16 25.32
C PRO D 14 2.70 -18.63 26.72
N LEU D 15 1.56 -18.93 27.31
CA LEU D 15 1.30 -18.72 28.74
C LEU D 15 2.05 -19.69 29.64
N GLY D 16 2.31 -20.90 29.17
CA GLY D 16 2.88 -21.94 30.00
C GLY D 16 4.35 -22.24 29.75
N ASN D 17 4.64 -23.51 29.46
CA ASN D 17 5.98 -23.98 29.20
C ASN D 17 6.39 -23.48 27.84
N LEU D 18 7.62 -23.00 27.74
CA LEU D 18 8.18 -22.58 26.49
C LEU D 18 8.20 -23.74 25.49
N ASP D 19 8.33 -24.98 25.93
CA ASP D 19 8.41 -26.08 24.97
C ASP D 19 7.10 -26.44 24.26
N ASP D 20 6.00 -25.79 24.65
CA ASP D 20 4.76 -25.84 23.87
C ASP D 20 4.77 -24.98 22.59
N THR D 22 5.62 -23.97 18.81
CA THR D 22 5.78 -24.88 17.67
C THR D 22 7.23 -24.89 17.25
N PHE D 23 7.62 -25.98 16.62
CA PHE D 23 8.94 -26.06 16.01
C PHE D 23 9.22 -24.87 15.09
N ARG D 24 8.23 -24.51 14.27
CA ARG D 24 8.36 -23.39 13.37
C ARG D 24 8.70 -22.11 14.06
N ALA D 25 8.00 -21.82 15.15
CA ALA D 25 8.21 -20.63 15.93
C ALA D 25 9.63 -20.58 16.45
N VAL D 26 10.08 -21.66 17.08
CA VAL D 26 11.43 -21.67 17.67
C VAL D 26 12.49 -21.55 16.60
N ASN D 27 12.32 -22.23 15.48
CA ASN D 27 13.29 -22.16 14.38
C ASN D 27 13.35 -20.74 13.81
N THR D 28 12.20 -20.07 13.80
CA THR D 28 12.09 -18.71 13.30
C THR D 28 12.90 -17.75 14.17
N LEU D 29 12.76 -17.86 15.48
CA LEU D 29 13.55 -17.10 16.43
C LEU D 29 15.04 -17.39 16.28
N ARG D 30 15.38 -18.66 16.17
CA ARG D 30 16.77 -19.07 16.12
C ARG D 30 17.50 -18.44 14.93
N ASN D 31 16.81 -18.38 13.81
CA ASN D 31 17.42 -18.00 12.55
C ASN D 31 17.19 -16.57 12.05
N ALA D 32 16.47 -15.76 12.83
CA ALA D 32 16.18 -14.40 12.45
C ALA D 32 17.46 -13.55 12.37
N GLY D 33 17.43 -12.54 11.49
CA GLY D 33 18.49 -11.53 11.48
C GLY D 33 18.50 -10.73 12.76
N ALA D 34 17.31 -10.54 13.35
CA ALA D 34 17.19 -9.78 14.57
C ALA D 34 15.90 -10.18 15.25
N ILE D 35 15.86 -9.99 16.55
CA ILE D 35 14.66 -10.19 17.29
C ILE D 35 14.22 -8.88 17.97
N ALA D 36 12.99 -8.54 17.73
CA ALA D 36 12.38 -7.33 18.29
C ALA D 36 11.61 -7.79 19.53
N CYS D 37 11.89 -7.18 20.68
CA CYS D 37 11.40 -7.67 21.95
C CYS D 37 11.46 -6.61 23.03
N GLU D 38 10.94 -7.03 24.17
CA GLU D 38 11.06 -6.30 25.40
C GLU D 38 12.44 -6.56 26.04
N ASP D 39 13.05 -5.49 26.52
CA ASP D 39 14.38 -5.54 27.13
C ASP D 39 14.23 -6.01 28.59
N THR D 40 13.98 -7.30 28.79
CA THR D 40 13.64 -7.76 30.13
C THR D 40 14.21 -9.13 30.42
N ARG D 41 14.12 -9.49 31.70
CA ARG D 41 14.56 -10.81 32.14
C ARG D 41 13.83 -11.93 31.38
N ARG D 42 12.54 -11.76 31.12
CA ARG D 42 11.77 -12.80 30.41
C ARG D 42 12.37 -13.10 29.03
N THR D 43 12.75 -12.05 28.35
CA THR D 43 13.32 -12.20 27.03
C THR D 43 14.65 -12.94 27.09
N SER D 44 15.46 -12.60 28.11
CA SER D 44 16.77 -13.25 28.29
C SER D 44 16.58 -14.78 28.56
N ILE D 45 15.55 -15.08 29.35
CA ILE D 45 15.21 -16.47 29.68
C ILE D 45 14.76 -17.27 28.46
N LEU D 46 13.92 -16.67 27.63
CA LEU D 46 13.47 -17.30 26.40
C LEU D 46 14.63 -17.62 25.48
N LEU D 47 15.51 -16.65 25.25
CA LEU D 47 16.68 -16.87 24.36
C LEU D 47 17.60 -17.97 24.89
N LYS D 48 17.86 -17.95 26.20
CA LYS D 48 18.75 -18.91 26.80
C LYS D 48 18.16 -20.29 26.71
N HIS D 49 16.87 -20.38 26.96
CA HIS D 49 16.17 -21.67 26.94
C HIS D 49 16.37 -22.42 25.62
N PHE D 50 16.36 -21.69 24.52
CA PHE D 50 16.52 -22.28 23.19
C PHE D 50 17.96 -22.14 22.62
N GLY D 51 18.88 -21.77 23.48
CA GLY D 51 20.28 -21.69 23.11
C GLY D 51 20.57 -20.66 22.05
N ILE D 52 19.82 -19.57 22.04
CA ILE D 52 20.00 -18.51 21.09
C ILE D 52 21.01 -17.53 21.67
N GLU D 53 22.20 -17.54 21.09
CA GLU D 53 23.28 -16.73 21.58
C GLU D 53 23.72 -15.75 20.50
N GLY D 54 24.03 -14.53 20.91
CA GLY D 54 24.67 -13.58 20.01
C GLY D 54 23.70 -12.91 19.05
N LYS D 55 22.41 -13.11 19.24
CA LYS D 55 21.38 -12.57 18.32
C LYS D 55 21.24 -11.06 18.53
N ARG D 56 21.15 -10.34 17.43
CA ARG D 56 20.83 -8.91 17.46
C ARG D 56 19.42 -8.69 17.94
N LEU D 57 19.30 -7.86 18.97
CA LEU D 57 18.00 -7.54 19.59
C LEU D 57 17.66 -6.11 19.33
N VAL D 58 16.40 -5.85 19.06
CA VAL D 58 15.90 -4.47 18.93
C VAL D 58 14.84 -4.32 20.00
N SER D 59 15.02 -3.43 20.97
CA SER D 59 14.05 -3.42 22.04
C SER D 59 13.01 -2.35 21.82
N TYR D 60 11.78 -2.67 22.18
CA TYR D 60 10.69 -1.72 22.10
C TYR D 60 10.09 -1.61 23.50
N HIS D 61 9.87 -0.37 23.93
CA HIS D 61 9.17 0.02 25.18
C HIS D 61 9.53 1.48 25.40
N GLU D 65 9.02 4.91 20.60
CA GLU D 65 9.33 3.65 19.88
C GLU D 65 9.66 3.84 18.40
N GLU D 66 9.75 5.10 17.97
CA GLU D 66 10.01 5.39 16.57
C GLU D 66 11.39 4.91 16.14
N ARG D 67 12.37 4.96 17.04
CA ARG D 67 13.70 4.47 16.65
C ARG D 67 13.69 2.97 16.37
N ALA D 68 12.98 2.25 17.21
CA ALA D 68 12.86 0.79 17.04
C ALA D 68 12.13 0.45 15.75
N VAL D 69 11.10 1.21 15.41
CA VAL D 69 10.36 0.94 14.18
C VAL D 69 11.28 1.20 12.99
N ARG D 70 12.05 2.28 13.04
CA ARG D 70 12.94 2.64 11.93
C ARG D 70 14.00 1.53 11.76
N GLN D 71 14.56 1.08 12.88
CA GLN D 71 15.53 -0.03 12.84
C GLN D 71 14.98 -1.27 12.19
N VAL D 72 13.76 -1.63 12.54
CA VAL D 72 13.15 -2.87 12.04
C VAL D 72 12.89 -2.73 10.54
N ILE D 73 12.35 -1.59 10.12
CA ILE D 73 12.14 -1.36 8.68
C ILE D 73 13.46 -1.41 7.89
N GLU D 74 14.53 -0.83 8.44
CA GLU D 74 15.83 -0.86 7.75
C GLU D 74 16.40 -2.26 7.60
N LEU D 75 16.24 -3.07 8.64
CA LEU D 75 16.64 -4.51 8.58
C LEU D 75 15.86 -5.27 7.49
N LEU D 76 14.55 -5.08 7.47
CA LEU D 76 13.70 -5.72 6.46
C LEU D 76 14.11 -5.31 5.05
N GLU D 77 14.32 -4.00 4.87
CA GLU D 77 14.70 -3.47 3.58
C GLU D 77 16.02 -4.06 3.07
N GLU D 78 16.93 -4.40 3.98
CA GLU D 78 18.22 -4.98 3.59
C GLU D 78 18.20 -6.49 3.47
N GLY D 79 17.02 -7.10 3.64
CA GLY D 79 16.84 -8.50 3.41
C GLY D 79 17.01 -9.38 4.63
N SER D 80 17.03 -8.78 5.83
CA SER D 80 17.06 -9.59 7.06
C SER D 80 15.65 -9.83 7.56
N ASP D 81 15.32 -11.07 7.87
CA ASP D 81 14.04 -11.36 8.54
C ASP D 81 14.15 -10.88 10.00
N VAL D 82 13.04 -10.42 10.55
CA VAL D 82 12.99 -9.95 11.93
C VAL D 82 11.87 -10.72 12.59
N ALA D 83 12.11 -11.29 13.77
CA ALA D 83 11.05 -11.93 14.54
C ALA D 83 10.64 -10.97 15.63
N LEU D 84 9.38 -10.61 15.62
CA LEU D 84 8.80 -9.76 16.66
C LEU D 84 8.18 -10.68 17.70
N VAL D 85 8.70 -10.64 18.93
CA VAL D 85 8.23 -11.52 19.98
C VAL D 85 7.16 -10.84 20.80
N THR D 86 5.99 -11.46 20.89
CA THR D 86 4.85 -10.92 21.63
C THR D 86 4.44 -11.96 22.69
N ASP D 87 3.67 -11.55 23.69
CA ASP D 87 3.07 -12.48 24.68
C ASP D 87 1.63 -12.84 24.29
N ALA D 88 1.35 -14.14 24.12
CA ALA D 88 -0.01 -14.61 23.76
C ALA D 88 -1.08 -14.14 24.77
N GLY D 89 -0.65 -13.84 26.00
CA GLY D 89 -1.56 -13.35 27.04
C GLY D 89 -1.95 -11.88 26.97
N THR D 90 -1.23 -11.09 26.18
CA THR D 90 -1.46 -9.62 26.10
C THR D 90 -2.32 -9.26 24.89
N PRO D 91 -3.37 -8.41 25.07
CA PRO D 91 -4.10 -7.84 23.95
C PRO D 91 -3.14 -7.25 22.90
N ALA D 92 -3.33 -7.61 21.63
CA ALA D 92 -2.52 -7.09 20.53
C ALA D 92 -2.44 -5.56 20.53
N ILE D 93 -3.55 -4.90 20.82
CA ILE D 93 -3.59 -3.43 20.90
C ILE D 93 -2.83 -2.81 22.09
N SER D 94 -2.60 -3.56 23.17
CA SER D 94 -1.80 -3.07 24.31
C SER D 94 -0.29 -3.23 24.12
N ASP D 95 0.11 -3.94 23.06
CA ASP D 95 1.50 -4.26 22.86
C ASP D 95 2.11 -3.29 21.84
N PRO D 96 3.07 -2.45 22.26
CA PRO D 96 3.82 -1.76 21.20
C PRO D 96 4.55 -2.83 20.39
N GLY D 97 4.74 -2.63 19.10
CA GLY D 97 5.14 -3.75 18.25
C GLY D 97 3.96 -4.04 17.36
N TYR D 98 2.77 -3.83 17.93
CA TYR D 98 1.58 -3.56 17.13
C TYR D 98 1.88 -2.47 16.11
N THR D 99 2.47 -1.36 16.55
CA THR D 99 2.73 -0.24 15.65
C THR D 99 3.92 -0.59 14.73
N ALA D 101 4.44 -3.74 13.58
CA ALA D 101 3.83 -4.54 12.53
C ALA D 101 2.99 -3.68 11.61
N SER D 102 2.23 -2.71 12.16
CA SER D 102 1.46 -1.75 11.32
C SER D 102 2.33 -0.99 10.36
N ALA D 103 3.48 -0.53 10.83
CA ALA D 103 4.35 0.24 9.98
C ALA D 103 4.90 -0.63 8.86
N ALA D 104 5.32 -1.87 9.18
CA ALA D 104 5.89 -2.78 8.16
C ALA D 104 4.85 -3.12 7.12
N HIS D 105 3.62 -3.32 7.59
CA HIS D 105 2.52 -3.61 6.68
C HIS D 105 2.25 -2.39 5.78
N ALA D 106 2.19 -1.23 6.40
CA ALA D 106 1.97 0.03 5.64
C ALA D 106 3.01 0.22 4.56
N ALA D 107 4.25 -0.22 4.83
CA ALA D 107 5.33 -0.10 3.84
C ALA D 107 5.33 -1.24 2.81
N GLY D 108 4.33 -2.10 2.83
CA GLY D 108 4.26 -3.22 1.91
C GLY D 108 5.25 -4.36 2.18
N LEU D 109 5.87 -4.39 3.36
CA LEU D 109 6.79 -5.47 3.69
C LEU D 109 5.97 -6.60 4.30
N PRO D 110 6.37 -7.86 4.06
CA PRO D 110 5.58 -8.98 4.51
C PRO D 110 5.58 -9.06 6.05
N VAL D 111 4.41 -9.33 6.61
CA VAL D 111 4.20 -9.50 8.03
C VAL D 111 3.47 -10.82 8.14
N VAL D 112 4.08 -11.79 8.82
CA VAL D 112 3.58 -13.17 8.88
C VAL D 112 3.47 -13.65 10.32
N PRO D 113 2.24 -13.89 10.80
CA PRO D 113 2.07 -14.45 12.13
C PRO D 113 2.53 -15.89 12.11
N VAL D 114 3.17 -16.33 13.18
CA VAL D 114 3.57 -17.72 13.23
C VAL D 114 2.54 -18.41 14.12
N PRO D 115 1.78 -19.37 13.56
CA PRO D 115 0.64 -19.91 14.31
C PRO D 115 1.02 -20.68 15.58
#